data_5LNI
#
_entry.id   5LNI
#
_cell.length_a   57.760
_cell.length_b   83.410
_cell.length_c   156.910
_cell.angle_alpha   90.000
_cell.angle_beta   90.000
_cell.angle_gamma   90.000
#
_symmetry.space_group_name_H-M   'I 2 2 2'
#
loop_
_entity.id
_entity.type
_entity.pdbx_description
1 polymer 'NADH:flavin oxidoreductase'
2 non-polymer 'FLAVIN MONONUCLEOTIDE'
3 non-polymer 7-hydroxy-2H-chromen-2-one
4 non-polymer 'SULFATE ION'
5 non-polymer GLYCEROL
6 water water
#
_entity_poly.entity_id   1
_entity_poly.type   'polypeptide(L)'
_entity_poly.pdbx_seq_one_letter_code
;SALFEPYTLKDVTLRNRIAIPPMCQYMAEDGMINDWHHVHLAGLARGGAGLLVVEATAVAPEGRITPGCAGIWSDAHAQA
FVPVVQAIKAAGSVPGIQIAHAGRKASANRPWEGDDHIAADDTRGWETIAPSAIAFGAHLPKVPREMTLDDIARVKQDFV
DAARRARDAGFEWIELHFAHGFLGQSFFSEHSNKRTDAYGGSFDNRSRFLLETLAAVREVWPENLPLTARFGVLEYDGRD
EQTLEESIELARRFKAGGLDLLSVSVGFTIPDTNIPWGPAFMGPIAERVRREAKLPVTSAWGFGTPQLAEAALQANQLDL
VSVGRAHLADPHWAYFAAKELGVEKASWTLPAPYAHWLE
;
_entity_poly.pdbx_strand_id   A
#
# COMPACT_ATOMS: atom_id res chain seq x y z
N SER A 1 -11.20 -9.75 22.34
CA SER A 1 -10.08 -8.96 21.86
CA SER A 1 -10.05 -9.03 21.80
C SER A 1 -10.49 -8.11 20.67
N ALA A 2 -10.04 -6.87 20.66
CA ALA A 2 -10.30 -5.95 19.54
C ALA A 2 -9.70 -6.45 18.22
N LEU A 3 -8.53 -7.08 18.30
CA LEU A 3 -7.83 -7.55 17.13
C LEU A 3 -8.65 -8.59 16.37
N PHE A 4 -9.47 -9.33 17.09
CA PHE A 4 -10.25 -10.38 16.47
C PHE A 4 -11.73 -10.04 16.29
N GLU A 5 -12.08 -8.76 16.37
CA GLU A 5 -13.41 -8.32 15.98
CA GLU A 5 -13.40 -8.29 15.99
C GLU A 5 -13.47 -8.12 14.47
N PRO A 6 -14.58 -8.53 13.84
CA PRO A 6 -14.69 -8.27 12.40
CA PRO A 6 -14.73 -8.27 12.41
C PRO A 6 -14.81 -6.78 12.08
N TYR A 7 -14.62 -6.46 10.81
CA TYR A 7 -14.68 -5.10 10.32
C TYR A 7 -15.40 -5.08 9.00
N THR A 8 -16.40 -4.21 8.87
N THR A 8 -16.41 -4.22 8.91
CA THR A 8 -17.14 -4.06 7.62
CA THR A 8 -17.14 -3.96 7.67
C THR A 8 -16.92 -2.69 7.01
C THR A 8 -16.70 -2.66 7.06
N LEU A 9 -16.54 -2.66 5.74
CA LEU A 9 -16.31 -1.46 4.99
C LEU A 9 -16.98 -1.69 3.64
N LYS A 10 -17.89 -0.80 3.26
CA LYS A 10 -18.74 -1.01 2.10
CA LYS A 10 -18.74 -1.03 2.09
C LYS A 10 -19.37 -2.41 2.23
N ASP A 11 -19.33 -3.24 1.18
CA ASP A 11 -19.95 -4.56 1.24
C ASP A 11 -19.03 -5.69 1.71
N VAL A 12 -17.84 -5.32 2.15
N VAL A 12 -17.79 -5.35 2.07
CA VAL A 12 -16.84 -6.29 2.49
CA VAL A 12 -16.83 -6.38 2.47
C VAL A 12 -16.71 -6.41 4.01
C VAL A 12 -16.66 -6.42 3.98
N THR A 13 -16.70 -7.63 4.51
CA THR A 13 -16.48 -7.90 5.93
C THR A 13 -15.20 -8.71 6.10
N LEU A 14 -14.29 -8.16 6.86
CA LEU A 14 -13.07 -8.84 7.25
CA LEU A 14 -13.06 -8.83 7.27
C LEU A 14 -13.30 -9.59 8.56
N ARG A 15 -12.79 -10.81 8.67
CA ARG A 15 -13.06 -11.64 9.84
C ARG A 15 -12.34 -11.16 11.11
N ASN A 16 -11.32 -10.32 10.96
CA ASN A 16 -10.61 -9.74 12.10
C ASN A 16 -9.92 -8.47 11.61
N ARG A 17 -9.18 -7.81 12.49
CA ARG A 17 -8.56 -6.52 12.18
C ARG A 17 -7.09 -6.65 11.79
N ILE A 18 -6.65 -7.87 11.49
CA ILE A 18 -5.29 -8.08 11.02
C ILE A 18 -5.25 -7.96 9.51
N ALA A 19 -4.49 -7.00 9.03
CA ALA A 19 -4.25 -6.83 7.61
C ALA A 19 -2.80 -7.18 7.32
N ILE A 20 -2.59 -7.90 6.23
CA ILE A 20 -1.25 -8.14 5.71
C ILE A 20 -1.02 -7.08 4.63
N PRO A 21 -0.11 -6.13 4.87
CA PRO A 21 0.09 -5.03 3.94
C PRO A 21 0.83 -5.55 2.72
N PRO A 22 0.83 -4.76 1.63
CA PRO A 22 1.56 -5.15 0.44
C PRO A 22 3.03 -5.33 0.77
N MET A 23 3.58 -6.44 0.28
CA MET A 23 5.01 -6.76 0.44
C MET A 23 5.59 -7.34 -0.85
N CYS A 24 6.28 -6.51 -1.61
CA CYS A 24 7.00 -6.95 -2.79
C CYS A 24 7.81 -8.21 -2.54
N GLN A 25 7.73 -9.12 -3.50
CA GLN A 25 8.44 -10.38 -3.47
C GLN A 25 9.61 -10.44 -4.44
N TYR A 26 9.60 -9.58 -5.46
CA TYR A 26 10.69 -9.49 -6.44
C TYR A 26 10.89 -10.79 -7.21
N MET A 27 9.79 -11.54 -7.42
CA MET A 27 9.84 -12.87 -8.02
C MET A 27 9.09 -12.98 -9.35
N ALA A 28 8.51 -11.89 -9.84
CA ALA A 28 7.80 -11.90 -11.12
C ALA A 28 8.77 -11.77 -12.29
N GLU A 29 8.33 -12.16 -13.47
CA GLU A 29 9.13 -12.09 -14.68
C GLU A 29 8.34 -11.29 -15.71
N ASP A 30 8.89 -10.16 -16.15
CA ASP A 30 8.17 -9.29 -17.08
CA ASP A 30 8.17 -9.23 -17.04
C ASP A 30 6.77 -8.96 -16.52
N GLY A 31 6.68 -8.77 -15.21
CA GLY A 31 5.45 -8.45 -14.53
C GLY A 31 4.52 -9.61 -14.22
N MET A 32 4.79 -10.78 -14.78
CA MET A 32 3.89 -11.92 -14.62
CA MET A 32 3.91 -11.94 -14.63
C MET A 32 4.19 -12.64 -13.32
N ILE A 33 3.19 -12.77 -12.48
CA ILE A 33 3.35 -13.54 -11.24
C ILE A 33 3.37 -15.04 -11.58
N ASN A 34 3.73 -15.85 -10.61
CA ASN A 34 3.94 -17.28 -10.83
C ASN A 34 3.67 -18.06 -9.54
N ASP A 35 4.11 -19.32 -9.47
CA ASP A 35 3.83 -20.14 -8.32
C ASP A 35 4.51 -19.65 -7.06
N TRP A 36 5.54 -18.80 -7.18
CA TRP A 36 6.05 -18.16 -5.97
C TRP A 36 4.89 -17.45 -5.27
N HIS A 37 4.25 -16.56 -6.02
CA HIS A 37 3.19 -15.71 -5.48
C HIS A 37 1.98 -16.50 -5.08
N HIS A 38 1.62 -17.49 -5.88
CA HIS A 38 0.43 -18.27 -5.59
C HIS A 38 0.53 -18.91 -4.18
N VAL A 39 1.63 -19.61 -3.95
CA VAL A 39 1.81 -20.31 -2.70
C VAL A 39 2.00 -19.34 -1.54
N HIS A 40 2.78 -18.30 -1.77
CA HIS A 40 3.02 -17.28 -0.75
C HIS A 40 1.70 -16.68 -0.25
N LEU A 41 0.89 -16.24 -1.20
CA LEU A 41 -0.36 -15.55 -0.89
C LEU A 41 -1.42 -16.49 -0.34
N ALA A 42 -1.59 -17.65 -0.96
CA ALA A 42 -2.58 -18.59 -0.44
C ALA A 42 -2.20 -19.05 0.98
N GLY A 43 -0.91 -19.24 1.22
CA GLY A 43 -0.45 -19.67 2.54
C GLY A 43 -0.74 -18.58 3.57
N LEU A 44 -0.52 -17.31 3.21
CA LEU A 44 -0.83 -16.23 4.13
C LEU A 44 -2.32 -16.15 4.40
N ALA A 45 -3.15 -16.32 3.37
CA ALA A 45 -4.58 -16.27 3.58
C ALA A 45 -5.06 -17.33 4.55
N ARG A 46 -4.48 -18.52 4.46
CA ARG A 46 -4.83 -19.61 5.35
C ARG A 46 -4.37 -19.36 6.78
N GLY A 47 -3.41 -18.48 6.97
CA GLY A 47 -2.89 -18.17 8.29
C GLY A 47 -3.84 -17.42 9.19
N GLY A 48 -4.90 -16.84 8.63
CA GLY A 48 -5.96 -16.29 9.43
C GLY A 48 -6.24 -14.80 9.30
N ALA A 49 -5.34 -14.05 8.67
CA ALA A 49 -5.55 -12.60 8.57
C ALA A 49 -6.86 -12.31 7.84
N GLY A 50 -7.53 -11.23 8.24
CA GLY A 50 -8.77 -10.84 7.62
C GLY A 50 -8.63 -10.29 6.22
N LEU A 51 -7.51 -9.62 5.96
CA LEU A 51 -7.27 -8.93 4.69
C LEU A 51 -5.84 -9.20 4.27
N LEU A 52 -5.67 -9.55 2.99
CA LEU A 52 -4.35 -9.77 2.40
C LEU A 52 -4.23 -8.85 1.19
N VAL A 53 -3.36 -7.86 1.26
CA VAL A 53 -3.14 -6.94 0.15
C VAL A 53 -1.89 -7.38 -0.60
N VAL A 54 -2.10 -7.75 -1.88
CA VAL A 54 -1.02 -8.09 -2.77
C VAL A 54 -0.09 -6.89 -2.95
N GLU A 55 1.20 -7.22 -3.03
CA GLU A 55 2.33 -6.32 -3.25
C GLU A 55 2.11 -5.29 -4.35
N ALA A 56 2.86 -4.20 -4.25
CA ALA A 56 2.88 -3.16 -5.29
C ALA A 56 2.93 -3.80 -6.67
N THR A 57 1.89 -3.57 -7.45
CA THR A 57 1.74 -4.17 -8.77
C THR A 57 1.70 -3.02 -9.76
N ALA A 58 2.69 -3.01 -10.65
CA ALA A 58 2.92 -1.87 -11.52
C ALA A 58 1.82 -1.69 -12.56
N VAL A 59 1.40 -0.45 -12.75
CA VAL A 59 0.39 -0.12 -13.74
C VAL A 59 0.99 -0.01 -15.14
N ALA A 60 2.31 0.01 -15.25
CA ALA A 60 3.03 0.20 -16.52
C ALA A 60 4.42 -0.39 -16.29
N PRO A 61 5.05 -0.89 -17.36
N PRO A 61 5.08 -0.87 -17.35
CA PRO A 61 6.36 -1.53 -17.19
CA PRO A 61 6.35 -1.55 -17.12
C PRO A 61 7.38 -0.66 -16.47
C PRO A 61 7.44 -0.67 -16.49
N GLU A 62 7.47 0.61 -16.84
CA GLU A 62 8.48 1.52 -16.29
C GLU A 62 8.15 1.91 -14.86
N GLY A 63 6.96 1.58 -14.40
CA GLY A 63 6.54 1.83 -13.04
C GLY A 63 6.84 0.70 -12.06
N ARG A 64 7.46 -0.38 -12.51
CA ARG A 64 8.00 -1.37 -11.59
C ARG A 64 9.13 -0.75 -10.78
N ILE A 65 9.32 -1.19 -9.54
CA ILE A 65 10.52 -0.81 -8.83
C ILE A 65 11.73 -1.52 -9.47
N THR A 66 11.58 -2.81 -9.73
CA THR A 66 12.69 -3.66 -10.12
C THR A 66 12.24 -4.61 -11.24
N PRO A 67 13.20 -5.33 -11.85
CA PRO A 67 12.82 -6.34 -12.84
C PRO A 67 12.03 -7.51 -12.26
N GLY A 68 11.95 -7.64 -10.94
CA GLY A 68 11.17 -8.71 -10.34
C GLY A 68 9.76 -8.32 -9.90
N CYS A 69 9.36 -7.08 -10.15
CA CYS A 69 8.08 -6.62 -9.67
C CYS A 69 6.92 -7.16 -10.49
N ALA A 70 5.80 -7.38 -9.80
CA ALA A 70 4.54 -7.74 -10.43
C ALA A 70 4.02 -6.57 -11.23
N GLY A 71 3.23 -6.91 -12.25
CA GLY A 71 2.55 -5.92 -13.08
C GLY A 71 1.14 -6.30 -13.40
N ILE A 72 0.37 -5.30 -13.82
CA ILE A 72 -1.01 -5.52 -14.23
C ILE A 72 -1.33 -4.61 -15.43
N TRP A 73 -0.33 -4.45 -16.30
CA TRP A 73 -0.43 -3.49 -17.41
C TRP A 73 -0.99 -4.10 -18.69
N SER A 74 -1.44 -5.33 -18.63
CA SER A 74 -2.15 -5.98 -19.72
C SER A 74 -3.14 -6.97 -19.14
N ASP A 75 -4.09 -7.37 -19.97
CA ASP A 75 -5.09 -8.30 -19.51
C ASP A 75 -4.45 -9.66 -19.18
N ALA A 76 -3.41 -10.05 -19.90
CA ALA A 76 -2.73 -11.30 -19.57
C ALA A 76 -2.10 -11.26 -18.18
N HIS A 77 -1.55 -10.11 -17.82
CA HIS A 77 -1.00 -9.95 -16.47
C HIS A 77 -2.10 -10.10 -15.44
N ALA A 78 -3.26 -9.51 -15.70
CA ALA A 78 -4.38 -9.56 -14.77
C ALA A 78 -4.91 -10.97 -14.61
N GLN A 79 -4.99 -11.71 -15.71
CA GLN A 79 -5.53 -13.04 -15.65
CA GLN A 79 -5.46 -13.11 -15.72
C GLN A 79 -4.65 -13.96 -14.79
N ALA A 80 -3.34 -13.68 -14.71
CA ALA A 80 -2.44 -14.46 -13.86
C ALA A 80 -2.85 -14.38 -12.38
N PHE A 81 -3.52 -13.30 -11.97
CA PHE A 81 -3.99 -13.17 -10.60
C PHE A 81 -5.23 -13.97 -10.28
N VAL A 82 -5.98 -14.38 -11.29
CA VAL A 82 -7.28 -14.97 -11.02
C VAL A 82 -7.19 -16.19 -10.08
N PRO A 83 -6.30 -17.16 -10.36
CA PRO A 83 -6.27 -18.33 -9.45
C PRO A 83 -5.82 -17.97 -8.02
N VAL A 84 -4.98 -16.96 -7.90
N VAL A 84 -4.98 -16.95 -7.87
CA VAL A 84 -4.52 -16.53 -6.59
CA VAL A 84 -4.52 -16.58 -6.53
C VAL A 84 -5.67 -15.91 -5.80
C VAL A 84 -5.65 -15.88 -5.77
N VAL A 85 -6.41 -15.03 -6.45
CA VAL A 85 -7.57 -14.39 -5.85
C VAL A 85 -8.52 -15.48 -5.37
N GLN A 86 -8.75 -16.47 -6.21
CA GLN A 86 -9.65 -17.54 -5.85
C GLN A 86 -9.16 -18.35 -4.66
N ALA A 87 -7.84 -18.57 -4.56
CA ALA A 87 -7.27 -19.27 -3.42
C ALA A 87 -7.38 -18.45 -2.13
N ILE A 88 -7.20 -17.13 -2.22
CA ILE A 88 -7.30 -16.27 -1.05
C ILE A 88 -8.73 -16.33 -0.52
N LYS A 89 -9.71 -16.20 -1.43
CA LYS A 89 -11.12 -16.28 -1.04
C LYS A 89 -11.48 -17.65 -0.44
N ALA A 90 -10.93 -18.72 -1.01
CA ALA A 90 -11.23 -20.06 -0.50
C ALA A 90 -10.80 -20.18 0.94
N ALA A 91 -9.75 -19.45 1.32
CA ALA A 91 -9.22 -19.48 2.67
C ALA A 91 -9.96 -18.53 3.63
N GLY A 92 -10.93 -17.76 3.13
CA GLY A 92 -11.71 -16.85 3.97
C GLY A 92 -11.09 -15.50 4.24
N SER A 93 -9.98 -15.18 3.58
CA SER A 93 -9.42 -13.85 3.69
C SER A 93 -9.97 -13.00 2.55
N VAL A 94 -9.91 -11.70 2.69
CA VAL A 94 -10.32 -10.79 1.63
C VAL A 94 -9.11 -10.44 0.76
N PRO A 95 -9.22 -10.64 -0.55
CA PRO A 95 -8.10 -10.32 -1.44
C PRO A 95 -8.09 -8.86 -1.85
N GLY A 96 -6.99 -8.18 -1.57
CA GLY A 96 -6.77 -6.84 -2.03
C GLY A 96 -5.53 -6.76 -2.88
N ILE A 97 -5.36 -5.63 -3.56
CA ILE A 97 -4.17 -5.40 -4.34
C ILE A 97 -3.78 -3.93 -4.30
N GLN A 98 -2.48 -3.68 -4.22
CA GLN A 98 -1.91 -2.34 -4.31
C GLN A 98 -1.43 -2.09 -5.72
N ILE A 99 -1.97 -1.09 -6.40
CA ILE A 99 -1.54 -0.74 -7.75
C ILE A 99 -0.65 0.49 -7.66
N ALA A 100 0.42 0.51 -8.46
CA ALA A 100 1.58 1.32 -8.15
C ALA A 100 2.30 1.83 -9.39
N HIS A 101 3.11 2.87 -9.18
CA HIS A 101 4.06 3.34 -10.18
C HIS A 101 5.24 3.96 -9.44
N ALA A 102 6.43 3.36 -9.61
CA ALA A 102 7.59 3.70 -8.79
C ALA A 102 8.24 5.04 -9.14
N GLY A 103 7.87 5.66 -10.24
CA GLY A 103 8.40 6.99 -10.51
C GLY A 103 9.93 7.00 -10.55
N ARG A 104 10.54 7.96 -9.85
CA ARG A 104 11.99 8.09 -9.94
C ARG A 104 12.76 6.98 -9.23
N LYS A 105 12.06 6.20 -8.41
CA LYS A 105 12.68 5.10 -7.68
C LYS A 105 12.59 3.77 -8.46
N ALA A 106 12.13 3.83 -9.70
CA ALA A 106 12.03 2.66 -10.56
C ALA A 106 13.39 2.28 -11.13
N SER A 107 13.43 1.17 -11.87
CA SER A 107 14.65 0.67 -12.52
C SER A 107 15.79 0.43 -11.53
N ALA A 108 15.43 -0.21 -10.42
CA ALA A 108 16.38 -0.54 -9.37
C ALA A 108 16.62 -2.04 -9.30
N ASN A 109 17.75 -2.41 -8.74
CA ASN A 109 18.02 -3.82 -8.44
C ASN A 109 17.15 -4.34 -7.31
N ARG A 110 16.94 -5.66 -7.28
CA ARG A 110 16.31 -6.30 -6.14
C ARG A 110 17.11 -5.95 -4.88
N PRO A 111 16.44 -5.94 -3.73
CA PRO A 111 17.11 -5.50 -2.50
C PRO A 111 18.32 -6.37 -2.09
N TRP A 112 18.32 -7.64 -2.43
CA TRP A 112 19.42 -8.55 -2.12
C TRP A 112 20.38 -8.66 -3.31
N GLU A 113 20.18 -7.81 -4.32
CA GLU A 113 21.05 -7.75 -5.50
C GLU A 113 21.58 -6.33 -5.71
N GLY A 114 21.75 -5.61 -4.60
CA GLY A 114 22.35 -4.29 -4.62
C GLY A 114 21.46 -3.15 -4.17
N ASP A 115 20.14 -3.28 -4.42
CA ASP A 115 19.13 -2.34 -3.95
C ASP A 115 19.26 -0.93 -4.58
N ASP A 116 20.08 -0.81 -5.61
CA ASP A 116 20.45 0.49 -6.17
C ASP A 116 19.98 0.61 -7.62
N HIS A 117 20.03 1.82 -8.15
CA HIS A 117 19.64 1.98 -9.56
C HIS A 117 20.49 1.09 -10.45
N ILE A 118 19.83 0.46 -11.40
CA ILE A 118 20.49 -0.40 -12.36
C ILE A 118 21.43 0.39 -13.25
N ALA A 119 22.60 -0.18 -13.52
CA ALA A 119 23.60 0.45 -14.38
C ALA A 119 23.08 0.73 -15.77
N ALA A 120 23.59 1.80 -16.39
CA ALA A 120 23.10 2.27 -17.67
C ALA A 120 23.26 1.24 -18.78
N ASP A 121 24.26 0.38 -18.68
CA ASP A 121 24.54 -0.61 -19.72
C ASP A 121 23.99 -1.99 -19.39
N ASP A 122 23.20 -2.11 -18.33
CA ASP A 122 22.56 -3.36 -17.97
C ASP A 122 21.29 -3.45 -18.81
N THR A 123 21.14 -4.54 -19.54
CA THR A 123 20.02 -4.66 -20.46
C THR A 123 18.68 -4.73 -19.76
N ARG A 124 18.67 -4.85 -18.45
CA ARG A 124 17.42 -4.92 -17.71
C ARG A 124 16.82 -3.55 -17.38
N GLY A 125 17.61 -2.48 -17.45
CA GLY A 125 17.17 -1.19 -16.94
C GLY A 125 16.33 -0.36 -17.89
N TRP A 126 15.78 0.72 -17.39
CA TRP A 126 14.92 1.55 -18.20
C TRP A 126 14.90 2.98 -17.66
N GLU A 127 14.48 3.89 -18.53
CA GLU A 127 14.33 5.28 -18.12
C GLU A 127 13.16 5.46 -17.18
N THR A 128 13.41 6.21 -16.12
CA THR A 128 12.39 6.52 -15.13
C THR A 128 11.71 7.84 -15.47
N ILE A 129 10.50 8.00 -14.95
CA ILE A 129 9.71 9.22 -15.14
C ILE A 129 9.27 9.77 -13.78
N ALA A 130 9.05 11.07 -13.75
CA ALA A 130 8.75 11.74 -12.49
C ALA A 130 8.18 13.13 -12.78
N PRO A 131 7.66 13.81 -11.76
CA PRO A 131 7.17 15.19 -11.97
CA PRO A 131 7.15 15.16 -12.02
C PRO A 131 8.24 16.14 -12.48
N SER A 132 9.46 15.98 -11.97
CA SER A 132 10.57 16.86 -12.30
C SER A 132 11.85 16.04 -12.45
N ALA A 133 12.78 16.55 -13.25
CA ALA A 133 14.06 15.90 -13.50
C ALA A 133 15.06 16.15 -12.37
N ILE A 134 14.79 15.46 -11.27
CA ILE A 134 15.57 15.55 -10.03
CA ILE A 134 15.62 15.56 -10.08
C ILE A 134 15.73 14.16 -9.46
N ALA A 135 16.97 13.75 -9.21
CA ALA A 135 17.23 12.43 -8.63
C ALA A 135 16.92 12.39 -7.14
N PHE A 136 16.51 11.21 -6.68
CA PHE A 136 16.42 10.91 -5.25
C PHE A 136 17.77 11.09 -4.57
N GLY A 137 18.83 10.59 -5.19
CA GLY A 137 20.16 10.66 -4.64
C GLY A 137 20.57 9.36 -3.98
N ALA A 138 21.65 9.42 -3.21
CA ALA A 138 22.15 8.24 -2.52
C ALA A 138 22.28 7.06 -3.50
N HIS A 139 21.63 5.95 -3.19
CA HIS A 139 21.73 4.71 -3.97
C HIS A 139 20.80 4.70 -5.19
N LEU A 140 20.05 5.79 -5.35
CA LEU A 140 19.15 5.98 -6.48
C LEU A 140 19.51 7.29 -7.21
N PRO A 141 20.69 7.32 -7.84
CA PRO A 141 21.17 8.56 -8.45
C PRO A 141 20.56 8.90 -9.81
N LYS A 142 19.80 8.01 -10.46
CA LYS A 142 19.36 8.33 -11.81
C LYS A 142 18.41 9.52 -11.84
N VAL A 143 18.67 10.44 -12.76
CA VAL A 143 17.80 11.59 -12.95
C VAL A 143 16.63 11.11 -13.82
N PRO A 144 15.40 11.22 -13.33
CA PRO A 144 14.25 10.81 -14.13
C PRO A 144 13.94 11.83 -15.23
N ARG A 145 13.18 11.40 -16.22
CA ARG A 145 12.64 12.27 -17.24
C ARG A 145 11.40 13.00 -16.69
N GLU A 146 11.34 14.32 -16.89
CA GLU A 146 10.20 15.12 -16.52
CA GLU A 146 10.20 15.11 -16.51
C GLU A 146 8.99 14.76 -17.37
N MET A 147 7.89 14.40 -16.73
CA MET A 147 6.69 13.99 -17.48
C MET A 147 6.07 15.14 -18.26
N THR A 148 5.58 14.83 -19.45
CA THR A 148 4.74 15.75 -20.21
C THR A 148 3.26 15.62 -19.73
N LEU A 149 2.40 16.53 -20.16
CA LEU A 149 0.98 16.42 -19.85
C LEU A 149 0.42 15.14 -20.41
N ASP A 150 0.86 14.75 -21.59
CA ASP A 150 0.41 13.50 -22.18
CA ASP A 150 0.40 13.52 -22.17
C ASP A 150 0.86 12.32 -21.33
N ASP A 151 2.08 12.37 -20.79
CA ASP A 151 2.55 11.32 -19.90
C ASP A 151 1.61 11.22 -18.66
N ILE A 152 1.24 12.36 -18.12
CA ILE A 152 0.35 12.40 -16.95
C ILE A 152 -1.00 11.75 -17.33
N ALA A 153 -1.56 12.13 -18.47
CA ALA A 153 -2.81 11.54 -18.92
C ALA A 153 -2.65 10.04 -19.09
N ARG A 154 -1.52 9.60 -19.65
N ARG A 154 -1.52 9.64 -19.66
CA ARG A 154 -1.30 8.19 -19.93
CA ARG A 154 -1.23 8.23 -19.93
C ARG A 154 -1.18 7.38 -18.63
C ARG A 154 -1.20 7.42 -18.64
N VAL A 155 -0.43 7.90 -17.66
CA VAL A 155 -0.27 7.19 -16.39
C VAL A 155 -1.60 7.13 -15.65
N LYS A 156 -2.37 8.22 -15.67
CA LYS A 156 -3.68 8.15 -15.04
C LYS A 156 -4.51 7.04 -15.68
N GLN A 157 -4.51 6.99 -17.00
CA GLN A 157 -5.26 5.94 -17.69
C GLN A 157 -4.73 4.54 -17.35
N ASP A 158 -3.42 4.42 -17.16
CA ASP A 158 -2.85 3.15 -16.73
C ASP A 158 -3.37 2.75 -15.35
N PHE A 159 -3.51 3.71 -14.44
CA PHE A 159 -4.14 3.38 -13.15
C PHE A 159 -5.59 2.95 -13.32
N VAL A 160 -6.34 3.62 -14.19
CA VAL A 160 -7.71 3.20 -14.46
C VAL A 160 -7.77 1.79 -14.99
N ASP A 161 -6.94 1.49 -15.99
CA ASP A 161 -6.94 0.16 -16.58
C ASP A 161 -6.55 -0.89 -15.55
N ALA A 162 -5.58 -0.57 -14.69
CA ALA A 162 -5.14 -1.50 -13.65
C ALA A 162 -6.28 -1.76 -12.67
N ALA A 163 -7.01 -0.73 -12.28
CA ALA A 163 -8.13 -0.90 -11.37
C ALA A 163 -9.24 -1.73 -12.00
N ARG A 164 -9.54 -1.48 -13.26
CA ARG A 164 -10.53 -2.26 -13.97
CA ARG A 164 -10.53 -2.25 -14.00
C ARG A 164 -10.11 -3.74 -14.04
N ARG A 165 -8.84 -3.97 -14.32
CA ARG A 165 -8.32 -5.32 -14.35
C ARG A 165 -8.37 -5.99 -12.98
N ALA A 166 -8.03 -5.23 -11.92
CA ALA A 166 -8.11 -5.79 -10.57
C ALA A 166 -9.55 -6.19 -10.24
N ARG A 167 -10.49 -5.31 -10.60
CA ARG A 167 -11.90 -5.60 -10.39
C ARG A 167 -12.28 -6.91 -11.09
N ASP A 168 -11.92 -7.04 -12.37
CA ASP A 168 -12.31 -8.17 -13.15
C ASP A 168 -11.57 -9.46 -12.80
N ALA A 169 -10.45 -9.35 -12.10
CA ALA A 169 -9.73 -10.51 -11.58
C ALA A 169 -10.34 -11.00 -10.27
N GLY A 170 -11.25 -10.22 -9.68
CA GLY A 170 -11.98 -10.62 -8.49
C GLY A 170 -11.47 -10.02 -7.19
N PHE A 171 -10.55 -9.08 -7.25
CA PHE A 171 -10.13 -8.40 -6.02
C PHE A 171 -11.31 -7.64 -5.42
N GLU A 172 -11.33 -7.62 -4.08
CA GLU A 172 -12.43 -7.01 -3.32
C GLU A 172 -12.00 -5.75 -2.58
N TRP A 173 -10.78 -5.29 -2.82
CA TRP A 173 -10.19 -4.21 -2.06
C TRP A 173 -9.04 -3.70 -2.92
N ILE A 174 -8.95 -2.38 -3.13
CA ILE A 174 -7.86 -1.81 -3.92
C ILE A 174 -7.17 -0.75 -3.09
N GLU A 175 -5.85 -0.64 -3.28
CA GLU A 175 -5.05 0.38 -2.63
C GLU A 175 -4.21 1.10 -3.68
N LEU A 176 -4.40 2.42 -3.83
CA LEU A 176 -3.56 3.20 -4.71
C LEU A 176 -2.27 3.53 -3.96
N HIS A 177 -1.13 3.27 -4.58
CA HIS A 177 0.15 3.47 -3.92
C HIS A 177 0.62 4.90 -4.15
N PHE A 178 0.23 5.78 -3.24
CA PHE A 178 0.64 7.17 -3.27
C PHE A 178 1.66 7.47 -2.17
N ALA A 179 2.42 6.46 -1.77
CA ALA A 179 3.39 6.61 -0.69
C ALA A 179 4.83 6.29 -1.14
N HIS A 180 5.75 6.44 -0.21
CA HIS A 180 7.10 5.83 -0.27
C HIS A 180 7.97 6.40 -1.35
N GLY A 181 7.68 7.63 -1.75
CA GLY A 181 8.55 8.36 -2.65
C GLY A 181 8.40 7.99 -4.11
N PHE A 182 7.40 7.16 -4.37
CA PHE A 182 7.08 6.71 -5.71
C PHE A 182 6.29 7.81 -6.44
N LEU A 183 5.69 7.49 -7.58
CA LEU A 183 5.22 8.58 -8.43
C LEU A 183 4.24 9.52 -7.73
N GLY A 184 3.17 8.99 -7.16
CA GLY A 184 2.18 9.82 -6.50
C GLY A 184 2.77 10.67 -5.39
N GLN A 185 3.50 10.04 -4.48
CA GLN A 185 4.11 10.79 -3.39
C GLN A 185 4.97 11.91 -3.94
N SER A 186 5.69 11.64 -5.02
CA SER A 186 6.63 12.61 -5.56
C SER A 186 5.92 13.80 -6.22
N PHE A 187 4.69 13.61 -6.70
CA PHE A 187 3.88 14.76 -7.17
C PHE A 187 3.48 15.63 -5.99
N PHE A 188 3.15 15.00 -4.85
CA PHE A 188 2.72 15.81 -3.70
C PHE A 188 3.86 16.62 -3.08
N SER A 189 5.04 16.04 -2.97
CA SER A 189 6.14 16.66 -2.24
C SER A 189 6.82 17.77 -3.01
N GLU A 190 7.00 18.90 -2.34
CA GLU A 190 7.80 19.99 -2.86
C GLU A 190 9.28 19.62 -3.05
N HIS A 191 9.77 18.61 -2.35
CA HIS A 191 11.16 18.18 -2.58
C HIS A 191 11.37 17.70 -4.01
N SER A 192 10.39 16.99 -4.56
CA SER A 192 10.54 16.31 -5.85
C SER A 192 9.75 16.97 -6.98
N ASN A 193 8.78 17.80 -6.63
CA ASN A 193 7.93 18.42 -7.62
C ASN A 193 8.25 19.91 -7.71
N LYS A 194 8.95 20.27 -8.78
CA LYS A 194 9.28 21.66 -9.08
C LYS A 194 8.52 22.16 -10.32
N ARG A 195 7.44 21.49 -10.71
CA ARG A 195 6.70 21.89 -11.89
C ARG A 195 6.06 23.25 -11.73
N THR A 196 5.88 23.92 -12.86
CA THR A 196 5.28 25.25 -12.89
C THR A 196 3.98 25.26 -13.70
N ASP A 197 3.48 24.07 -14.06
CA ASP A 197 2.20 23.94 -14.73
C ASP A 197 1.11 23.61 -13.72
N ALA A 198 -0.01 23.07 -14.18
CA ALA A 198 -1.14 22.78 -13.31
C ALA A 198 -0.85 21.70 -12.28
N TYR A 199 0.27 20.98 -12.44
CA TYR A 199 0.60 19.85 -11.59
C TYR A 199 1.72 20.13 -10.60
N GLY A 200 2.12 21.40 -10.46
CA GLY A 200 3.07 21.74 -9.41
C GLY A 200 2.89 23.16 -8.92
N GLY A 201 3.24 23.57 -7.69
N GLY A 201 3.67 23.51 -7.87
CA GLY A 201 3.52 24.98 -7.39
CA GLY A 201 3.62 24.82 -7.25
C GLY A 201 2.43 25.78 -6.66
C GLY A 201 2.74 24.76 -6.00
N SER A 202 1.41 25.12 -6.15
CA SER A 202 0.49 25.24 -5.04
C SER A 202 0.09 23.88 -4.49
N PHE A 203 -0.52 23.89 -3.31
CA PHE A 203 -1.09 22.67 -2.71
C PHE A 203 -2.09 22.03 -3.66
N ASP A 204 -2.98 22.82 -4.24
CA ASP A 204 -3.97 22.29 -5.17
C ASP A 204 -3.29 21.63 -6.36
N ASN A 205 -2.24 22.26 -6.88
CA ASN A 205 -1.58 21.73 -8.06
C ASN A 205 -0.81 20.45 -7.74
N ARG A 206 -0.12 20.43 -6.61
CA ARG A 206 0.62 19.25 -6.19
C ARG A 206 -0.30 18.10 -5.86
N SER A 207 -1.47 18.40 -5.34
CA SER A 207 -2.47 17.38 -5.08
C SER A 207 -3.15 16.82 -6.32
N ARG A 208 -3.09 17.57 -7.41
CA ARG A 208 -3.93 17.33 -8.58
C ARG A 208 -3.73 15.93 -9.17
N PHE A 209 -2.49 15.49 -9.36
CA PHE A 209 -2.28 14.15 -9.93
C PHE A 209 -2.96 13.07 -9.08
N LEU A 210 -2.84 13.21 -7.77
CA LEU A 210 -3.38 12.21 -6.87
C LEU A 210 -4.89 12.23 -6.88
N LEU A 211 -5.48 13.42 -6.80
CA LEU A 211 -6.93 13.53 -6.79
C LEU A 211 -7.53 13.15 -8.14
N GLU A 212 -6.89 13.53 -9.25
CA GLU A 212 -7.41 13.13 -10.55
C GLU A 212 -7.32 11.63 -10.74
N THR A 213 -6.23 11.01 -10.26
CA THR A 213 -6.08 9.56 -10.39
C THR A 213 -7.14 8.85 -9.56
N LEU A 214 -7.34 9.29 -8.33
CA LEU A 214 -8.40 8.72 -7.48
C LEU A 214 -9.76 8.82 -8.18
N ALA A 215 -10.09 10.01 -8.72
CA ALA A 215 -11.39 10.20 -9.37
C ALA A 215 -11.53 9.32 -10.61
N ALA A 216 -10.46 9.18 -11.36
CA ALA A 216 -10.51 8.36 -12.56
C ALA A 216 -10.72 6.88 -12.22
N VAL A 217 -10.00 6.42 -11.20
CA VAL A 217 -10.13 5.04 -10.73
C VAL A 217 -11.54 4.80 -10.21
N ARG A 218 -12.10 5.80 -9.53
CA ARG A 218 -13.42 5.65 -8.93
C ARG A 218 -14.48 5.36 -9.99
N GLU A 219 -14.25 5.80 -11.23
CA GLU A 219 -15.18 5.56 -12.32
C GLU A 219 -15.32 4.08 -12.69
N VAL A 220 -14.27 3.29 -12.48
CA VAL A 220 -14.31 1.87 -12.85
C VAL A 220 -14.34 0.93 -11.64
N TRP A 221 -13.92 1.40 -10.48
CA TRP A 221 -13.88 0.56 -9.31
C TRP A 221 -15.26 0.53 -8.65
N PRO A 222 -15.81 -0.65 -8.30
CA PRO A 222 -17.17 -0.70 -7.79
C PRO A 222 -17.38 0.09 -6.50
N GLU A 223 -18.50 0.79 -6.45
N GLU A 223 -18.51 0.80 -6.43
CA GLU A 223 -18.85 1.58 -5.26
CA GLU A 223 -18.87 1.58 -5.25
C GLU A 223 -18.89 0.72 -4.01
C GLU A 223 -18.94 0.72 -3.99
N ASN A 224 -19.28 -0.55 -4.16
CA ASN A 224 -19.48 -1.44 -3.03
C ASN A 224 -18.25 -2.18 -2.53
N LEU A 225 -17.08 -1.87 -3.10
CA LEU A 225 -15.83 -2.46 -2.64
C LEU A 225 -14.91 -1.35 -2.14
N PRO A 226 -14.21 -1.57 -1.01
CA PRO A 226 -13.34 -0.53 -0.48
C PRO A 226 -12.32 -0.01 -1.50
N LEU A 227 -12.27 1.32 -1.56
CA LEU A 227 -11.33 2.09 -2.38
C LEU A 227 -10.39 2.79 -1.41
N THR A 228 -9.13 2.39 -1.40
CA THR A 228 -8.21 2.87 -0.40
C THR A 228 -6.94 3.40 -1.06
N ALA A 229 -6.10 4.02 -0.27
CA ALA A 229 -4.82 4.52 -0.74
C ALA A 229 -3.82 4.45 0.40
N ARG A 230 -2.57 4.33 0.02
CA ARG A 230 -1.44 4.49 0.94
C ARG A 230 -0.77 5.83 0.65
N PHE A 231 -0.44 6.59 1.70
CA PHE A 231 0.09 7.93 1.52
C PHE A 231 1.04 8.24 2.67
N GLY A 232 2.20 8.78 2.34
CA GLY A 232 3.17 9.19 3.35
C GLY A 232 2.82 10.58 3.83
N VAL A 233 2.45 10.68 5.11
CA VAL A 233 1.89 11.92 5.62
C VAL A 233 2.92 12.86 6.23
N LEU A 234 4.15 12.37 6.45
CA LEU A 234 5.26 13.22 6.84
C LEU A 234 6.54 12.54 6.39
N GLU A 235 7.62 13.31 6.39
CA GLU A 235 8.93 12.83 5.91
C GLU A 235 9.99 12.68 7.00
N TYR A 236 9.79 13.31 8.17
CA TYR A 236 10.84 13.44 9.17
C TYR A 236 12.05 14.18 8.57
N ASP A 237 11.73 15.29 7.91
CA ASP A 237 12.69 16.12 7.20
C ASP A 237 12.79 17.53 7.77
N GLY A 238 12.36 17.73 9.02
CA GLY A 238 12.42 19.06 9.59
C GLY A 238 11.25 19.96 9.22
N ARG A 239 10.31 19.44 8.44
N ARG A 239 10.29 19.43 8.46
CA ARG A 239 9.12 20.19 8.04
CA ARG A 239 9.12 20.18 7.98
C ARG A 239 7.87 19.41 8.37
C ARG A 239 7.83 19.46 8.41
N ASP A 240 7.88 18.72 9.51
CA ASP A 240 6.80 17.79 9.83
C ASP A 240 5.45 18.45 10.14
N GLU A 241 5.41 19.54 10.90
CA GLU A 241 4.11 20.10 11.23
C GLU A 241 3.41 20.63 9.97
N GLN A 242 4.14 21.37 9.12
CA GLN A 242 3.55 21.92 7.90
CA GLN A 242 3.56 21.91 7.89
C GLN A 242 3.16 20.77 6.96
N THR A 243 4.02 19.76 6.86
CA THR A 243 3.74 18.65 5.96
C THR A 243 2.52 17.85 6.43
N LEU A 244 2.43 17.59 7.72
CA LEU A 244 1.29 16.83 8.24
CA LEU A 244 1.29 16.88 8.29
C LEU A 244 0.00 17.62 8.05
N GLU A 245 0.03 18.94 8.25
N GLU A 245 0.03 18.95 8.23
CA GLU A 245 -1.15 19.76 8.01
CA GLU A 245 -1.17 19.76 8.00
C GLU A 245 -1.66 19.59 6.58
C GLU A 245 -1.67 19.62 6.57
N GLU A 246 -0.76 19.72 5.61
CA GLU A 246 -1.14 19.55 4.21
C GLU A 246 -1.62 18.13 3.93
N SER A 247 -0.95 17.14 4.51
CA SER A 247 -1.31 15.75 4.28
C SER A 247 -2.72 15.46 4.79
N ILE A 248 -3.04 16.04 5.94
CA ILE A 248 -4.37 15.86 6.49
C ILE A 248 -5.42 16.56 5.63
N GLU A 249 -5.09 17.74 5.09
CA GLU A 249 -6.00 18.39 4.16
C GLU A 249 -6.23 17.50 2.94
N LEU A 250 -5.16 16.93 2.40
CA LEU A 250 -5.32 16.05 1.25
C LEU A 250 -6.17 14.84 1.64
N ALA A 251 -5.97 14.31 2.85
CA ALA A 251 -6.80 13.18 3.29
C ALA A 251 -8.28 13.56 3.34
N ARG A 252 -8.60 14.78 3.74
CA ARG A 252 -9.99 15.24 3.69
C ARG A 252 -10.51 15.26 2.25
N ARG A 253 -9.68 15.69 1.29
N ARG A 253 -9.67 15.70 1.32
CA ARG A 253 -10.12 15.68 -0.10
CA ARG A 253 -10.02 15.64 -0.10
C ARG A 253 -10.26 14.25 -0.64
C ARG A 253 -10.33 14.23 -0.52
N PHE A 254 -9.41 13.32 -0.18
CA PHE A 254 -9.55 11.92 -0.56
C PHE A 254 -10.89 11.39 -0.06
N LYS A 255 -11.20 11.67 1.21
CA LYS A 255 -12.45 11.21 1.79
C LYS A 255 -13.63 11.76 0.98
N ALA A 256 -13.61 13.06 0.68
CA ALA A 256 -14.68 13.69 -0.09
C ALA A 256 -14.79 13.07 -1.47
N GLY A 257 -13.68 12.55 -1.99
CA GLY A 257 -13.63 11.89 -3.28
C GLY A 257 -13.86 10.40 -3.25
N GLY A 258 -14.41 9.89 -2.15
CA GLY A 258 -14.80 8.49 -2.10
C GLY A 258 -13.79 7.53 -1.51
N LEU A 259 -12.69 7.99 -0.94
CA LEU A 259 -11.75 7.08 -0.29
C LEU A 259 -12.37 6.51 0.97
N ASP A 260 -12.30 5.19 1.12
CA ASP A 260 -12.92 4.53 2.25
C ASP A 260 -12.00 4.34 3.45
N LEU A 261 -10.69 4.29 3.23
CA LEU A 261 -9.72 4.03 4.29
C LEU A 261 -8.38 4.51 3.76
N LEU A 262 -7.55 5.06 4.63
CA LEU A 262 -6.22 5.52 4.28
C LEU A 262 -5.18 4.72 5.05
N SER A 263 -4.22 4.13 4.33
CA SER A 263 -3.07 3.51 4.93
C SER A 263 -2.02 4.60 5.12
N VAL A 264 -1.77 4.94 6.39
CA VAL A 264 -0.97 6.09 6.76
C VAL A 264 0.49 5.62 6.88
N SER A 265 1.39 6.24 6.13
CA SER A 265 2.77 5.83 6.12
C SER A 265 3.69 7.04 6.18
N VAL A 266 4.96 6.80 5.87
CA VAL A 266 5.99 7.83 5.81
C VAL A 266 6.32 8.08 4.34
N GLY A 267 6.76 9.29 4.03
CA GLY A 267 6.98 9.64 2.64
C GLY A 267 8.13 8.93 1.94
N PHE A 268 9.27 8.78 2.60
CA PHE A 268 10.49 8.28 1.95
CA PHE A 268 10.50 8.30 1.98
C PHE A 268 10.79 9.01 0.65
N THR A 269 10.51 10.31 0.57
CA THR A 269 10.65 11.01 -0.71
C THR A 269 12.08 11.35 -1.03
N ILE A 270 12.84 11.63 0.01
CA ILE A 270 14.25 12.01 -0.08
C ILE A 270 15.02 11.21 0.95
N PRO A 271 16.35 11.07 0.76
CA PRO A 271 17.14 10.29 1.71
C PRO A 271 17.54 11.00 2.99
N ASP A 272 17.57 12.33 3.00
N ASP A 272 17.63 12.32 2.96
CA ASP A 272 18.16 13.03 4.15
CA ASP A 272 18.12 13.06 4.12
C ASP A 272 17.10 13.31 5.21
C ASP A 272 17.00 13.29 5.13
N THR A 273 16.73 12.27 5.93
CA THR A 273 15.68 12.34 6.93
C THR A 273 16.13 11.66 8.24
N ASN A 274 15.29 11.74 9.26
CA ASN A 274 15.58 11.15 10.55
CA ASN A 274 15.58 11.16 10.56
C ASN A 274 14.33 10.51 11.12
N ILE A 275 13.99 9.35 10.56
CA ILE A 275 12.78 8.63 10.91
C ILE A 275 12.98 7.90 12.24
N PRO A 276 12.10 8.16 13.23
CA PRO A 276 12.30 7.61 14.58
C PRO A 276 11.72 6.20 14.72
N TRP A 277 12.31 5.24 14.00
CA TRP A 277 11.85 3.86 14.03
C TRP A 277 11.73 3.35 15.45
N GLY A 278 10.64 2.65 15.73
CA GLY A 278 10.41 2.11 17.05
C GLY A 278 9.06 1.44 17.09
N PRO A 279 8.76 0.73 18.18
CA PRO A 279 7.48 0.02 18.29
C PRO A 279 6.30 0.96 18.23
N ALA A 280 5.39 0.67 17.30
CA ALA A 280 4.15 1.42 17.15
C ALA A 280 4.38 2.93 16.97
N PHE A 281 5.52 3.33 16.40
CA PHE A 281 5.85 4.75 16.37
C PHE A 281 4.85 5.56 15.57
N MET A 282 4.18 4.95 14.59
CA MET A 282 3.21 5.64 13.75
C MET A 282 1.85 5.80 14.41
N GLY A 283 1.62 5.17 15.57
CA GLY A 283 0.31 5.21 16.18
C GLY A 283 -0.25 6.61 16.38
N PRO A 284 0.54 7.52 16.99
CA PRO A 284 0.01 8.87 17.22
C PRO A 284 -0.27 9.63 15.93
N ILE A 285 0.56 9.44 14.90
CA ILE A 285 0.37 10.10 13.61
C ILE A 285 -0.91 9.58 12.94
N ALA A 286 -1.06 8.25 12.90
CA ALA A 286 -2.26 7.66 12.32
C ALA A 286 -3.52 8.13 13.04
N GLU A 287 -3.44 8.22 14.36
CA GLU A 287 -4.57 8.66 15.15
CA GLU A 287 -4.59 8.67 15.14
C GLU A 287 -4.97 10.10 14.80
N ARG A 288 -3.98 10.95 14.64
CA ARG A 288 -4.24 12.34 14.27
C ARG A 288 -4.92 12.44 12.91
N VAL A 289 -4.46 11.67 11.94
CA VAL A 289 -5.08 11.68 10.63
C VAL A 289 -6.53 11.18 10.73
N ARG A 290 -6.70 10.08 11.43
CA ARG A 290 -8.02 9.48 11.63
C ARG A 290 -9.00 10.51 12.20
N ARG A 291 -8.55 11.23 13.21
CA ARG A 291 -9.38 12.21 13.91
CA ARG A 291 -9.40 12.19 13.90
C ARG A 291 -9.65 13.47 13.10
N GLU A 292 -8.61 14.01 12.48
CA GLU A 292 -8.70 15.30 11.83
C GLU A 292 -9.25 15.22 10.41
N ALA A 293 -9.11 14.06 9.75
CA ALA A 293 -9.74 13.83 8.45
C ALA A 293 -11.02 13.00 8.56
N LYS A 294 -11.27 12.44 9.75
CA LYS A 294 -12.49 11.65 10.01
CA LYS A 294 -12.48 11.65 10.02
C LYS A 294 -12.62 10.50 9.02
N LEU A 295 -11.55 9.73 8.91
CA LEU A 295 -11.41 8.68 7.94
C LEU A 295 -10.82 7.46 8.61
N PRO A 296 -11.31 6.22 8.31
CA PRO A 296 -10.64 5.05 8.86
C PRO A 296 -9.20 4.96 8.38
N VAL A 297 -8.35 4.35 9.21
CA VAL A 297 -6.95 4.24 8.88
C VAL A 297 -6.37 2.89 9.25
N THR A 298 -5.30 2.54 8.56
CA THR A 298 -4.37 1.51 9.02
C THR A 298 -2.98 2.12 9.02
N SER A 299 -2.04 1.44 9.68
CA SER A 299 -0.65 1.79 9.58
C SER A 299 0.18 0.55 9.90
N ALA A 300 1.50 0.69 9.85
CA ALA A 300 2.44 -0.41 9.94
C ALA A 300 3.73 0.15 10.56
N TRP A 301 4.85 -0.51 10.30
CA TRP A 301 6.18 -0.08 10.70
C TRP A 301 6.33 -0.19 12.21
N GLY A 302 6.06 -1.37 12.76
CA GLY A 302 6.29 -1.62 14.16
C GLY A 302 5.11 -2.02 15.00
N PHE A 303 3.99 -2.45 14.41
CA PHE A 303 2.85 -2.94 15.21
C PHE A 303 2.82 -4.46 15.33
N GLY A 304 3.86 -5.12 14.87
CA GLY A 304 3.86 -6.56 14.75
C GLY A 304 4.11 -7.38 16.00
N THR A 305 3.44 -7.01 17.08
N THR A 305 3.48 -6.99 17.10
CA THR A 305 3.36 -7.84 18.26
CA THR A 305 3.35 -7.88 18.23
C THR A 305 1.88 -7.87 18.63
C THR A 305 1.88 -7.87 18.66
N PRO A 306 1.41 -8.98 19.24
CA PRO A 306 -0.03 -8.99 19.49
C PRO A 306 -0.52 -7.88 20.42
N GLN A 307 0.25 -7.56 21.45
N GLN A 307 0.27 -7.55 21.43
CA GLN A 307 -0.17 -6.53 22.41
CA GLN A 307 -0.11 -6.54 22.41
C GLN A 307 -0.12 -5.11 21.82
C GLN A 307 -0.13 -5.13 21.82
N LEU A 308 0.85 -4.84 20.97
CA LEU A 308 0.91 -3.53 20.30
C LEU A 308 -0.28 -3.35 19.38
N ALA A 309 -0.61 -4.40 18.65
CA ALA A 309 -1.75 -4.35 17.72
C ALA A 309 -3.05 -4.12 18.49
N GLU A 310 -3.24 -4.90 19.55
CA GLU A 310 -4.44 -4.79 20.37
C GLU A 310 -4.55 -3.40 20.99
N ALA A 311 -3.45 -2.88 21.53
CA ALA A 311 -3.46 -1.58 22.16
C ALA A 311 -3.82 -0.47 21.19
N ALA A 312 -3.30 -0.55 19.97
CA ALA A 312 -3.58 0.49 18.98
C ALA A 312 -5.07 0.53 18.61
N LEU A 313 -5.68 -0.64 18.50
CA LEU A 313 -7.11 -0.71 18.22
C LEU A 313 -7.96 -0.22 19.37
N GLN A 314 -7.62 -0.64 20.58
N GLN A 314 -7.63 -0.64 20.58
CA GLN A 314 -8.41 -0.26 21.75
CA GLN A 314 -8.44 -0.23 21.73
C GLN A 314 -8.35 1.26 21.99
C GLN A 314 -8.38 1.28 21.94
N ALA A 315 -7.24 1.88 21.62
CA ALA A 315 -7.07 3.33 21.74
C ALA A 315 -7.66 4.10 20.56
N ASN A 316 -8.25 3.38 19.61
CA ASN A 316 -8.82 3.99 18.41
C ASN A 316 -7.78 4.81 17.66
N GLN A 317 -6.56 4.31 17.63
CA GLN A 317 -5.54 4.90 16.77
C GLN A 317 -5.63 4.38 15.35
N LEU A 318 -6.06 3.13 15.22
CA LEU A 318 -6.16 2.42 13.95
C LEU A 318 -7.50 1.72 13.89
N ASP A 319 -7.98 1.44 12.68
CA ASP A 319 -9.12 0.57 12.45
C ASP A 319 -8.71 -0.86 12.06
N LEU A 320 -7.59 -0.96 11.36
CA LEU A 320 -6.95 -2.24 11.03
C LEU A 320 -5.49 -2.10 11.38
N VAL A 321 -4.87 -3.20 11.80
CA VAL A 321 -3.45 -3.20 12.10
C VAL A 321 -2.74 -3.97 11.00
N SER A 322 -1.82 -3.31 10.29
CA SER A 322 -1.06 -3.98 9.25
C SER A 322 0.20 -4.57 9.85
N VAL A 323 0.42 -5.85 9.58
CA VAL A 323 1.52 -6.61 10.15
C VAL A 323 2.26 -7.30 9.00
N GLY A 324 3.46 -6.79 8.69
CA GLY A 324 4.21 -7.20 7.52
C GLY A 324 5.27 -8.27 7.77
N ARG A 325 6.42 -7.85 8.29
N ARG A 325 6.41 -7.85 8.28
CA ARG A 325 7.56 -8.77 8.44
CA ARG A 325 7.53 -8.77 8.40
C ARG A 325 7.26 -9.96 9.32
C ARG A 325 7.21 -9.96 9.28
N ALA A 326 6.41 -9.80 10.32
CA ALA A 326 6.06 -10.93 11.17
C ALA A 326 5.39 -12.06 10.38
N HIS A 327 4.70 -11.71 9.30
CA HIS A 327 4.08 -12.73 8.44
C HIS A 327 5.06 -13.38 7.46
N LEU A 328 6.19 -12.73 7.15
CA LEU A 328 7.26 -13.39 6.41
C LEU A 328 7.92 -14.42 7.31
N ALA A 329 8.12 -14.07 8.59
CA ALA A 329 8.71 -14.98 9.55
C ALA A 329 7.80 -16.17 9.82
N ASP A 330 6.51 -15.89 9.99
CA ASP A 330 5.52 -16.91 10.34
C ASP A 330 4.22 -16.60 9.60
N PRO A 331 3.90 -17.34 8.55
CA PRO A 331 2.66 -17.00 7.84
CA PRO A 331 2.67 -17.12 7.82
C PRO A 331 1.39 -17.26 8.65
N HIS A 332 1.51 -17.96 9.78
CA HIS A 332 0.40 -18.18 10.70
C HIS A 332 0.46 -17.22 11.88
N TRP A 333 1.01 -16.03 11.67
CA TRP A 333 1.08 -15.06 12.75
C TRP A 333 -0.27 -14.77 13.41
N ALA A 334 -1.34 -14.76 12.63
CA ALA A 334 -2.66 -14.49 13.23
C ALA A 334 -3.02 -15.53 14.30
N TYR A 335 -2.65 -16.78 14.08
CA TYR A 335 -2.86 -17.82 15.07
C TYR A 335 -2.01 -17.56 16.31
N PHE A 336 -0.75 -17.21 16.10
CA PHE A 336 0.13 -16.81 17.20
C PHE A 336 -0.51 -15.69 18.03
N ALA A 337 -1.02 -14.67 17.35
CA ALA A 337 -1.65 -13.54 18.02
C ALA A 337 -2.89 -13.95 18.81
N ALA A 338 -3.71 -14.81 18.22
CA ALA A 338 -4.92 -15.28 18.90
C ALA A 338 -4.56 -15.99 20.19
N LYS A 339 -3.52 -16.81 20.14
CA LYS A 339 -3.07 -17.52 21.34
C LYS A 339 -2.58 -16.54 22.38
N GLU A 340 -1.76 -15.58 21.95
N GLU A 340 -1.77 -15.58 21.96
CA GLU A 340 -1.16 -14.62 22.87
CA GLU A 340 -1.14 -14.65 22.89
C GLU A 340 -2.24 -13.84 23.58
C GLU A 340 -2.15 -13.69 23.52
N LEU A 341 -3.24 -13.42 22.84
CA LEU A 341 -4.29 -12.57 23.36
C LEU A 341 -5.39 -13.36 24.07
N GLY A 342 -5.26 -14.69 24.11
CA GLY A 342 -6.16 -15.51 24.90
C GLY A 342 -7.53 -15.68 24.28
N VAL A 343 -7.60 -15.58 22.95
CA VAL A 343 -8.84 -15.77 22.21
C VAL A 343 -9.34 -17.20 22.36
N GLU A 344 -10.65 -17.34 22.56
CA GLU A 344 -11.25 -18.67 22.68
CA GLU A 344 -11.23 -18.68 22.69
C GLU A 344 -11.08 -19.43 21.38
N LYS A 345 -10.78 -20.73 21.48
CA LYS A 345 -10.60 -21.59 20.33
C LYS A 345 -9.62 -20.94 19.34
N ALA A 346 -8.49 -20.49 19.87
CA ALA A 346 -7.51 -19.78 19.07
C ALA A 346 -7.03 -20.57 17.85
N SER A 347 -6.93 -21.89 17.94
CA SER A 347 -6.42 -22.67 16.83
C SER A 347 -7.33 -22.61 15.62
N TRP A 348 -8.62 -22.32 15.84
CA TRP A 348 -9.58 -22.21 14.73
C TRP A 348 -9.49 -20.88 13.99
N THR A 349 -8.47 -20.07 14.31
CA THR A 349 -7.97 -19.04 13.40
CA THR A 349 -7.99 -19.05 13.42
C THR A 349 -7.52 -19.68 12.10
N LEU A 350 -7.02 -20.92 12.19
CA LEU A 350 -6.54 -21.70 11.07
C LEU A 350 -7.62 -22.64 10.55
N PRO A 351 -7.46 -23.16 9.33
CA PRO A 351 -8.43 -24.13 8.80
C PRO A 351 -8.36 -25.46 9.55
N ALA A 352 -9.44 -26.24 9.46
CA ALA A 352 -9.57 -27.51 10.19
C ALA A 352 -8.36 -28.45 10.16
N PRO A 353 -7.72 -28.65 8.99
CA PRO A 353 -6.61 -29.61 8.95
C PRO A 353 -5.43 -29.22 9.81
N TYR A 354 -5.38 -27.97 10.24
CA TYR A 354 -4.41 -27.51 11.24
C TYR A 354 -5.08 -27.36 12.62
N ALA A 355 -6.21 -26.65 12.65
CA ALA A 355 -6.87 -26.28 13.89
C ALA A 355 -7.19 -27.45 14.78
N HIS A 356 -7.66 -28.54 14.20
CA HIS A 356 -8.08 -29.67 15.00
C HIS A 356 -6.96 -30.19 15.89
N TRP A 357 -5.74 -30.16 15.40
CA TRP A 357 -4.60 -30.78 16.06
C TRP A 357 -3.92 -29.84 17.03
N LEU A 358 -4.21 -28.56 16.94
CA LEU A 358 -3.51 -27.54 17.72
C LEU A 358 -4.37 -27.02 18.87
N GLU A 359 -5.58 -27.53 19.01
CA GLU A 359 -6.42 -27.15 20.13
C GLU A 359 -5.67 -27.36 21.45
#